data_2G09
#
_entry.id   2G09
#
_cell.length_a   134.006
_cell.length_b   134.006
_cell.length_c   39.087
_cell.angle_alpha   90.00
_cell.angle_beta   90.00
_cell.angle_gamma   120.00
#
_symmetry.space_group_name_H-M   'P 32'
#
loop_
_entity.id
_entity.type
_entity.pdbx_description
1 polymer "Cytosolic 5'-nucleotidase III"
2 non-polymer 'MAGNESIUM ION'
3 non-polymer 'PHOSPHATE ION'
4 non-polymer "PIPERAZINE-N,N'-BIS(2-ETHANESULFONIC ACID)"
5 water water
#
_entity_poly.entity_id   1
_entity_poly.type   'polypeptide(L)'
_entity_poly.pdbx_seq_one_letter_code
;STNQESAVHLK(MSE)(MSE)PEFQKSSVRIKNPTRVEEIICGLIKGGAAKLQIITDFD(MSE)TLSRFSYNGKRCPTCH
NIIDNCKLVTDECRRKLLQLKEQYYAIEVDPVLTVEEKFPY(MSE)VEWYTKSHGLLIEQGIPKAKLKEIVADSDV
(MSE)LKEGYENFFGKLQQHGIPVFIFSAGIGDVLEEVIRQAGVYHSNVKVVSNF(MSE)DFDENGVLKGFKGELIHVFN
KHDGALKNTDYFSQLKDNSNIILLGDSQGDLR(MSE)ADGVANVEHILKIGYLNDRVDELLEKY(MSE)DSYDIVLVKEE
SLEVVNSILQKTL
;
_entity_poly.pdbx_strand_id   A,B
#
loop_
_chem_comp.id
_chem_comp.type
_chem_comp.name
_chem_comp.formula
MG non-polymer 'MAGNESIUM ION' 'Mg 2'
PIN non-polymer 'PIPERAZINE-N,N'-BIS(2-ETHANESULFONIC ACID)' 'C8 H18 N2 O6 S2'
PO4 non-polymer 'PHOSPHATE ION' 'O4 P -3'
#
# COMPACT_ATOMS: atom_id res chain seq x y z
N ALA A 7 32.68 -8.12 -2.26
CA ALA A 7 32.65 -9.07 -3.41
C ALA A 7 31.60 -10.18 -3.19
N VAL A 8 31.00 -10.64 -4.28
CA VAL A 8 30.01 -11.71 -4.19
C VAL A 8 30.60 -13.04 -4.64
N HIS A 9 30.39 -14.07 -3.82
CA HIS A 9 30.75 -15.43 -4.19
C HIS A 9 29.59 -16.37 -3.91
N LEU A 10 29.00 -16.91 -4.98
CA LEU A 10 27.86 -17.80 -4.84
C LEU A 10 28.27 -19.07 -4.14
N LYS A 11 29.53 -19.47 -4.29
CA LYS A 11 30.03 -20.68 -3.69
C LYS A 11 29.88 -20.63 -2.17
N MSE A 12 29.92 -19.42 -1.60
CA MSE A 12 29.89 -19.22 -0.16
C MSE A 12 28.51 -18.83 0.34
O MSE A 12 28.36 -18.47 1.50
CB MSE A 12 30.90 -18.15 0.25
CG MSE A 12 32.33 -18.44 -0.16
SE MSE A 12 33.49 -17.14 0.67
CE MSE A 12 33.40 -17.72 2.41
N MSE A 13 27.52 -18.91 -0.53
CA MSE A 13 26.14 -18.71 -0.10
C MSE A 13 25.43 -20.06 -0.13
O MSE A 13 25.16 -20.59 -1.19
CB MSE A 13 25.45 -17.69 -1.03
CG MSE A 13 26.12 -16.32 -1.04
SE MSE A 13 25.39 -15.16 -2.44
CE MSE A 13 23.79 -14.69 -1.59
N PRO A 14 25.09 -20.62 1.07
CA PRO A 14 24.49 -21.96 1.16
C PRO A 14 23.21 -22.14 0.33
N GLU A 15 22.42 -21.07 0.21
CA GLU A 15 21.17 -21.11 -0.53
C GLU A 15 21.42 -21.43 -2.00
N PHE A 16 22.57 -21.02 -2.50
CA PHE A 16 22.94 -21.28 -3.89
C PHE A 16 23.50 -22.68 -4.15
N GLN A 17 23.68 -23.47 -3.10
CA GLN A 17 24.18 -24.83 -3.25
C GLN A 17 23.06 -25.87 -3.29
N LYS A 18 21.82 -25.43 -3.12
CA LYS A 18 20.65 -26.31 -3.21
C LYS A 18 20.60 -26.87 -4.63
N SER A 19 20.19 -28.14 -4.77
CA SER A 19 20.24 -28.82 -6.06
C SER A 19 19.25 -28.24 -7.10
N SER A 20 18.22 -27.54 -6.62
CA SER A 20 17.27 -26.85 -7.48
C SER A 20 17.86 -25.63 -8.20
N VAL A 21 19.03 -25.17 -7.76
CA VAL A 21 19.61 -23.93 -8.27
C VAL A 21 20.47 -24.21 -9.52
N ARG A 22 20.01 -23.70 -10.67
CA ARG A 22 20.75 -23.85 -11.93
C ARG A 22 21.14 -22.49 -12.53
N ILE A 23 22.44 -22.31 -12.78
CA ILE A 23 22.96 -21.00 -13.21
C ILE A 23 23.96 -21.19 -14.34
N LYS A 24 23.62 -20.67 -15.51
CA LYS A 24 24.48 -20.81 -16.69
C LYS A 24 25.78 -20.04 -16.55
N ASN A 25 25.69 -18.81 -16.04
CA ASN A 25 26.81 -17.91 -16.05
C ASN A 25 27.01 -17.32 -14.65
N PRO A 26 27.63 -18.11 -13.73
CA PRO A 26 27.74 -17.68 -12.32
C PRO A 26 28.58 -16.41 -12.13
N THR A 27 29.59 -16.19 -12.98
CA THR A 27 30.42 -14.98 -12.93
C THR A 27 29.57 -13.73 -13.18
N ARG A 28 28.75 -13.80 -14.23
CA ARG A 28 27.82 -12.72 -14.56
C ARG A 28 26.80 -12.49 -13.44
N VAL A 29 26.25 -13.57 -12.89
CA VAL A 29 25.33 -13.47 -11.74
C VAL A 29 25.97 -12.76 -10.54
N GLU A 30 27.23 -13.10 -10.25
CA GLU A 30 27.97 -12.45 -9.16
C GLU A 30 28.16 -10.96 -9.42
N GLU A 31 28.50 -10.60 -10.64
CA GLU A 31 28.62 -9.19 -10.94
C GLU A 31 27.27 -8.41 -10.89
N ILE A 32 26.16 -9.03 -11.29
CA ILE A 32 24.85 -8.37 -11.17
C ILE A 32 24.54 -8.14 -9.67
N ILE A 33 24.75 -9.18 -8.86
CA ILE A 33 24.45 -9.11 -7.43
C ILE A 33 25.36 -8.12 -6.74
N CYS A 34 26.65 -8.13 -7.12
CA CYS A 34 27.57 -7.11 -6.69
C CYS A 34 27.00 -5.71 -6.88
N GLY A 35 26.47 -5.42 -8.07
CA GLY A 35 25.84 -4.12 -8.34
C GLY A 35 24.61 -3.87 -7.48
N LEU A 36 23.79 -4.90 -7.28
CA LEU A 36 22.63 -4.77 -6.40
C LEU A 36 23.03 -4.34 -4.97
N ILE A 37 24.05 -5.00 -4.43
CA ILE A 37 24.53 -4.68 -3.09
C ILE A 37 25.06 -3.24 -3.05
N LYS A 38 25.85 -2.88 -4.06
CA LYS A 38 26.41 -1.53 -4.17
C LYS A 38 25.33 -0.43 -4.08
N GLY A 39 24.20 -0.64 -4.74
CA GLY A 39 23.11 0.33 -4.75
C GLY A 39 22.27 0.33 -3.49
N GLY A 40 22.25 -0.79 -2.76
CA GLY A 40 21.46 -0.90 -1.52
C GLY A 40 19.98 -0.62 -1.73
N ALA A 41 19.31 -0.31 -0.63
CA ALA A 41 17.87 -0.07 -0.62
C ALA A 41 17.44 1.06 -1.56
N ALA A 42 18.20 2.15 -1.59
CA ALA A 42 17.80 3.34 -2.35
C ALA A 42 17.58 3.11 -3.85
N LYS A 43 18.24 2.09 -4.41
CA LYS A 43 18.15 1.87 -5.84
C LYS A 43 17.33 0.65 -6.22
N LEU A 44 16.87 -0.11 -5.23
CA LEU A 44 16.23 -1.40 -5.50
C LEU A 44 14.72 -1.29 -5.76
N GLN A 45 14.24 -2.05 -6.75
CA GLN A 45 12.80 -2.39 -6.85
C GLN A 45 12.62 -3.85 -7.30
N ILE A 46 11.44 -4.39 -7.01
CA ILE A 46 11.12 -5.79 -7.33
C ILE A 46 9.99 -5.79 -8.34
N ILE A 47 10.11 -6.64 -9.35
CA ILE A 47 9.05 -6.82 -10.34
C ILE A 47 8.82 -8.33 -10.42
N THR A 48 7.58 -8.77 -10.20
CA THR A 48 7.34 -10.19 -10.01
C THR A 48 5.97 -10.55 -10.52
N ASP A 49 5.78 -11.77 -11.04
CA ASP A 49 4.38 -12.23 -11.23
C ASP A 49 3.92 -12.84 -9.91
N PHE A 50 2.72 -13.41 -9.92
CA PHE A 50 2.19 -14.00 -8.72
C PHE A 50 2.07 -15.52 -8.83
N ASP A 51 1.13 -16.00 -9.65
CA ASP A 51 0.83 -17.44 -9.70
C ASP A 51 2.08 -18.28 -9.99
N MSE A 52 2.41 -19.21 -9.10
CA MSE A 52 3.49 -20.18 -9.31
C MSE A 52 4.87 -19.62 -9.13
O MSE A 52 5.84 -20.36 -9.25
CB MSE A 52 3.40 -20.91 -10.67
CG MSE A 52 2.02 -21.27 -11.13
SE MSE A 52 1.17 -22.68 -10.17
CE MSE A 52 0.08 -21.68 -8.96
N THR A 53 4.95 -18.32 -8.84
CA THR A 53 6.21 -17.61 -8.57
C THR A 53 6.21 -17.23 -7.09
N LEU A 54 5.17 -16.51 -6.65
CA LEU A 54 5.00 -16.18 -5.21
C LEU A 54 4.18 -17.23 -4.49
N SER A 55 3.27 -17.84 -5.23
CA SER A 55 2.48 -18.98 -4.79
C SER A 55 3.13 -20.29 -5.26
N ARG A 56 2.85 -21.37 -4.53
CA ARG A 56 3.37 -22.68 -4.84
C ARG A 56 2.72 -23.32 -6.07
N PHE A 57 3.50 -24.10 -6.81
CA PHE A 57 3.03 -24.89 -7.96
C PHE A 57 2.34 -26.19 -7.48
N SER A 58 2.91 -26.83 -6.49
CA SER A 58 2.29 -28.02 -5.97
C SER A 58 2.61 -28.24 -4.50
N TYR A 59 1.79 -29.10 -3.91
CA TYR A 59 1.86 -29.43 -2.51
C TYR A 59 1.39 -30.87 -2.29
N ASN A 60 2.29 -31.66 -1.72
CA ASN A 60 2.03 -33.10 -1.46
C ASN A 60 1.58 -33.88 -2.72
N GLY A 61 2.23 -33.55 -3.85
CA GLY A 61 1.98 -34.21 -5.13
C GLY A 61 0.66 -33.79 -5.76
N LYS A 62 0.04 -32.79 -5.16
CA LYS A 62 -1.21 -32.25 -5.64
C LYS A 62 -0.97 -30.80 -6.07
N ARG A 63 -1.36 -30.50 -7.30
CA ARG A 63 -1.16 -29.17 -7.82
C ARG A 63 -2.01 -28.15 -7.11
N CYS A 64 -1.35 -27.07 -6.70
CA CYS A 64 -1.95 -25.91 -6.02
C CYS A 64 -2.65 -25.02 -7.03
N PRO A 65 -3.67 -24.28 -6.58
CA PRO A 65 -4.41 -23.44 -7.50
C PRO A 65 -3.73 -22.12 -7.86
N THR A 66 -3.91 -21.72 -9.11
CA THR A 66 -3.75 -20.34 -9.53
C THR A 66 -4.90 -19.55 -8.92
N CYS A 67 -4.81 -18.22 -8.96
CA CYS A 67 -5.93 -17.38 -8.50
C CYS A 67 -7.22 -17.69 -9.27
N HIS A 68 -7.10 -17.94 -10.57
CA HIS A 68 -8.27 -18.34 -11.38
C HIS A 68 -8.88 -19.65 -10.84
N ASN A 69 -8.02 -20.61 -10.51
CA ASN A 69 -8.41 -21.94 -9.99
C ASN A 69 -9.12 -21.86 -8.64
N ILE A 70 -8.75 -20.86 -7.83
CA ILE A 70 -9.41 -20.59 -6.55
C ILE A 70 -10.91 -20.39 -6.76
N ILE A 71 -11.26 -19.60 -7.78
CA ILE A 71 -12.67 -19.43 -8.19
C ILE A 71 -13.21 -20.69 -8.88
N ASP A 72 -12.45 -21.29 -9.81
CA ASP A 72 -12.91 -22.52 -10.49
C ASP A 72 -13.39 -23.60 -9.49
N ASN A 73 -12.67 -23.73 -8.38
CA ASN A 73 -12.81 -24.83 -7.44
C ASN A 73 -13.73 -24.51 -6.26
N CYS A 74 -14.21 -23.28 -6.16
CA CYS A 74 -15.00 -22.86 -5.00
C CYS A 74 -16.43 -23.37 -5.00
N LYS A 75 -17.12 -23.15 -3.87
CA LYS A 75 -18.47 -23.66 -3.64
C LYS A 75 -19.50 -22.94 -4.51
N LEU A 76 -19.16 -21.78 -5.04
CA LEU A 76 -20.06 -21.00 -5.88
C LEU A 76 -20.07 -21.44 -7.33
N VAL A 77 -19.13 -22.32 -7.69
CA VAL A 77 -19.04 -22.83 -9.05
C VAL A 77 -19.45 -24.33 -9.11
N THR A 78 -20.31 -24.66 -10.07
CA THR A 78 -20.84 -26.02 -10.26
C THR A 78 -19.86 -26.98 -10.92
N ASP A 79 -20.15 -28.28 -10.82
CA ASP A 79 -19.35 -29.32 -11.46
C ASP A 79 -19.37 -29.21 -12.99
N GLU A 80 -20.52 -28.86 -13.55
CA GLU A 80 -20.64 -28.69 -15.01
C GLU A 80 -19.83 -27.51 -15.54
N CYS A 81 -19.78 -26.44 -14.76
CA CYS A 81 -18.89 -25.33 -15.11
C CYS A 81 -17.40 -25.78 -15.08
N ARG A 82 -17.03 -26.54 -14.06
CA ARG A 82 -15.65 -27.02 -13.92
C ARG A 82 -15.26 -27.97 -15.04
N ARG A 83 -16.23 -28.76 -15.49
CA ARG A 83 -16.09 -29.59 -16.67
C ARG A 83 -15.72 -28.73 -17.89
N LYS A 84 -16.43 -27.61 -18.07
CA LYS A 84 -16.19 -26.74 -19.22
C LYS A 84 -14.87 -25.99 -19.06
N LEU A 85 -14.57 -25.54 -17.85
CA LEU A 85 -13.29 -24.89 -17.57
C LEU A 85 -12.10 -25.81 -17.85
N LEU A 86 -12.28 -27.10 -17.56
CA LEU A 86 -11.25 -28.10 -17.78
C LEU A 86 -11.07 -28.37 -19.28
N GLN A 87 -12.18 -28.47 -20.02
CA GLN A 87 -12.14 -28.62 -21.47
C GLN A 87 -11.44 -27.44 -22.13
N LEU A 88 -11.81 -26.22 -21.76
CA LEU A 88 -11.12 -25.01 -22.22
C LEU A 88 -9.61 -25.11 -22.01
N LYS A 89 -9.23 -25.51 -20.79
CA LYS A 89 -7.82 -25.60 -20.36
C LYS A 89 -7.06 -26.66 -21.18
N GLU A 90 -7.67 -27.83 -21.36
CA GLU A 90 -7.04 -28.90 -22.13
C GLU A 90 -6.78 -28.50 -23.59
N GLN A 91 -7.78 -27.88 -24.24
CA GLN A 91 -7.66 -27.34 -25.60
C GLN A 91 -6.65 -26.20 -25.73
N TYR A 92 -6.82 -25.18 -24.89
CA TYR A 92 -5.99 -23.96 -24.95
C TYR A 92 -4.60 -24.07 -24.35
N TYR A 93 -4.43 -24.86 -23.30
CA TYR A 93 -3.08 -25.07 -22.73
C TYR A 93 -2.16 -25.78 -23.72
N ALA A 94 -2.73 -26.68 -24.53
CA ALA A 94 -1.98 -27.35 -25.60
C ALA A 94 -1.39 -26.37 -26.62
N ILE A 95 -2.15 -25.32 -26.92
CA ILE A 95 -1.67 -24.23 -27.76
C ILE A 95 -0.61 -23.39 -27.01
N GLU A 96 -0.86 -23.07 -25.74
CA GLU A 96 0.14 -22.36 -24.94
C GLU A 96 1.52 -23.05 -25.01
N VAL A 97 1.54 -24.38 -24.89
CA VAL A 97 2.81 -25.14 -24.80
C VAL A 97 3.28 -25.67 -26.15
N ASP A 98 2.56 -25.30 -27.21
CA ASP A 98 2.85 -25.81 -28.56
C ASP A 98 4.20 -25.32 -29.09
N PRO A 99 5.12 -26.25 -29.40
CA PRO A 99 6.46 -25.86 -29.85
C PRO A 99 6.55 -25.27 -31.26
N VAL A 100 5.55 -25.50 -32.10
CA VAL A 100 5.62 -25.05 -33.50
C VAL A 100 5.13 -23.62 -33.72
N LEU A 101 4.07 -23.23 -33.01
CA LEU A 101 3.49 -21.90 -33.13
C LEU A 101 4.43 -20.86 -32.53
N THR A 102 4.58 -19.71 -33.19
CA THR A 102 5.34 -18.60 -32.61
C THR A 102 4.55 -18.02 -31.45
N VAL A 103 5.21 -17.33 -30.52
CA VAL A 103 4.54 -16.73 -29.38
C VAL A 103 3.48 -15.71 -29.84
N GLU A 104 3.80 -14.96 -30.90
CA GLU A 104 2.86 -13.98 -31.47
C GLU A 104 1.60 -14.68 -31.97
N GLU A 105 1.77 -15.80 -32.68
CA GLU A 105 0.62 -16.61 -33.13
C GLU A 105 -0.28 -17.11 -32.00
N LYS A 106 0.29 -17.27 -30.82
CA LYS A 106 -0.47 -17.74 -29.65
C LYS A 106 -1.35 -16.64 -29.01
N PHE A 107 -1.05 -15.38 -29.31
CA PHE A 107 -1.78 -14.24 -28.73
C PHE A 107 -3.31 -14.33 -28.82
N PRO A 108 -3.89 -14.49 -30.04
CA PRO A 108 -5.35 -14.58 -30.13
C PRO A 108 -5.95 -15.77 -29.38
N TYR A 109 -5.21 -16.88 -29.34
CA TYR A 109 -5.66 -18.08 -28.62
C TYR A 109 -5.72 -17.77 -27.10
N MSE A 110 -4.75 -17.01 -26.59
CA MSE A 110 -4.74 -16.67 -25.15
C MSE A 110 -5.90 -15.71 -24.84
O MSE A 110 -6.61 -15.87 -23.83
CB MSE A 110 -3.40 -16.08 -24.72
CG MSE A 110 -2.21 -17.05 -24.83
SE MSE A 110 -2.42 -18.79 -23.92
CE MSE A 110 -3.18 -19.87 -25.28
N VAL A 111 -6.12 -14.74 -25.73
CA VAL A 111 -7.25 -13.84 -25.57
C VAL A 111 -8.55 -14.67 -25.50
N GLU A 112 -8.73 -15.61 -26.43
CA GLU A 112 -9.92 -16.49 -26.45
C GLU A 112 -10.09 -17.28 -25.15
N TRP A 113 -9.05 -18.00 -24.74
CA TRP A 113 -9.06 -18.78 -23.52
C TRP A 113 -9.47 -17.98 -22.29
N TYR A 114 -8.76 -16.88 -22.03
CA TYR A 114 -9.04 -16.02 -20.89
C TYR A 114 -10.42 -15.34 -20.94
N THR A 115 -10.86 -14.91 -22.12
CA THR A 115 -12.21 -14.33 -22.30
C THR A 115 -13.29 -15.38 -22.03
N LYS A 116 -13.07 -16.59 -22.54
CA LYS A 116 -14.03 -17.69 -22.38
C LYS A 116 -14.11 -18.19 -20.95
N SER A 117 -12.97 -18.32 -20.29
CA SER A 117 -12.94 -18.81 -18.90
C SER A 117 -13.47 -17.76 -17.91
N HIS A 118 -13.08 -16.50 -18.10
CA HIS A 118 -13.64 -15.39 -17.34
C HIS A 118 -15.17 -15.33 -17.56
N GLY A 119 -15.61 -15.57 -18.80
CA GLY A 119 -17.05 -15.60 -19.13
C GLY A 119 -17.87 -16.68 -18.43
N LEU A 120 -17.23 -17.84 -18.20
CA LEU A 120 -17.83 -18.91 -17.43
C LEU A 120 -17.98 -18.54 -15.95
N LEU A 121 -16.96 -17.86 -15.40
CA LEU A 121 -17.05 -17.37 -14.01
C LEU A 121 -18.13 -16.34 -13.85
N ILE A 122 -18.24 -15.40 -14.79
CA ILE A 122 -19.31 -14.37 -14.76
C ILE A 122 -20.71 -14.97 -14.70
N GLU A 123 -20.94 -16.03 -15.47
CA GLU A 123 -22.24 -16.73 -15.47
C GLU A 123 -22.54 -17.39 -14.13
N GLN A 124 -21.49 -17.85 -13.44
CA GLN A 124 -21.65 -18.52 -12.14
C GLN A 124 -22.13 -17.59 -11.01
N GLY A 125 -21.98 -16.28 -11.17
CA GLY A 125 -22.47 -15.33 -10.16
C GLY A 125 -21.60 -15.20 -8.91
N ILE A 126 -20.43 -14.58 -9.07
CA ILE A 126 -19.46 -14.43 -7.98
C ILE A 126 -19.60 -13.08 -7.25
N PRO A 127 -20.07 -13.08 -5.98
CA PRO A 127 -20.13 -11.82 -5.25
C PRO A 127 -18.79 -11.40 -4.65
N LYS A 128 -18.48 -10.10 -4.71
CA LYS A 128 -17.27 -9.56 -4.10
C LYS A 128 -17.17 -9.91 -2.61
N ALA A 129 -18.30 -9.85 -1.91
CA ALA A 129 -18.35 -10.10 -0.48
C ALA A 129 -17.94 -11.52 -0.09
N LYS A 130 -18.05 -12.45 -1.03
CA LYS A 130 -17.71 -13.86 -0.78
C LYS A 130 -16.23 -14.19 -1.01
N LEU A 131 -15.46 -13.26 -1.55
CA LEU A 131 -14.07 -13.54 -1.95
C LEU A 131 -13.17 -13.91 -0.77
N LYS A 132 -13.36 -13.23 0.36
CA LYS A 132 -12.69 -13.57 1.61
C LYS A 132 -12.86 -15.06 2.00
N GLU A 133 -14.10 -15.54 2.10
CA GLU A 133 -14.40 -16.94 2.44
C GLU A 133 -13.81 -17.93 1.44
N ILE A 134 -14.05 -17.64 0.16
CA ILE A 134 -13.54 -18.44 -0.95
C ILE A 134 -12.01 -18.60 -0.83
N VAL A 135 -11.30 -17.51 -0.54
CA VAL A 135 -9.83 -17.55 -0.42
C VAL A 135 -9.40 -18.33 0.84
N ALA A 136 -10.07 -18.04 1.97
CA ALA A 136 -9.80 -18.73 3.22
C ALA A 136 -10.05 -20.24 3.12
N ASP A 137 -11.07 -20.65 2.37
CA ASP A 137 -11.38 -22.07 2.17
C ASP A 137 -10.58 -22.75 1.07
N SER A 138 -9.81 -21.97 0.29
CA SER A 138 -9.10 -22.51 -0.87
C SER A 138 -7.81 -23.23 -0.48
N ASP A 139 -7.19 -23.90 -1.47
CA ASP A 139 -5.91 -24.58 -1.26
C ASP A 139 -4.67 -23.78 -1.68
N VAL A 140 -4.81 -22.46 -1.76
CA VAL A 140 -3.70 -21.62 -2.19
C VAL A 140 -2.56 -21.66 -1.16
N MSE A 141 -1.31 -21.67 -1.64
CA MSE A 141 -0.17 -21.61 -0.73
C MSE A 141 0.87 -20.65 -1.25
O MSE A 141 1.16 -20.66 -2.43
CB MSE A 141 0.54 -22.96 -0.63
CG MSE A 141 -0.30 -24.15 -0.35
SE MSE A 141 0.58 -24.94 1.15
CE MSE A 141 0.14 -23.38 2.41
N LEU A 142 1.46 -19.86 -0.36
CA LEU A 142 2.59 -19.02 -0.74
C LEU A 142 3.90 -19.80 -0.58
N LYS A 143 4.88 -19.47 -1.40
CA LYS A 143 6.17 -20.12 -1.32
C LYS A 143 6.79 -19.93 0.08
N GLU A 144 7.45 -20.98 0.55
CA GLU A 144 8.20 -20.90 1.79
C GLU A 144 9.14 -19.70 1.84
N GLY A 145 9.07 -18.94 2.94
CA GLY A 145 9.90 -17.74 3.10
C GLY A 145 9.22 -16.45 2.71
N TYR A 146 7.94 -16.52 2.38
CA TYR A 146 7.19 -15.33 1.97
C TYR A 146 7.12 -14.24 3.05
N GLU A 147 7.04 -14.61 4.33
CA GLU A 147 6.97 -13.59 5.36
C GLU A 147 8.25 -12.75 5.45
N ASN A 148 9.42 -13.39 5.41
CA ASN A 148 10.70 -12.67 5.35
C ASN A 148 10.88 -11.90 4.03
N PHE A 149 10.37 -12.45 2.94
CA PHE A 149 10.42 -11.77 1.64
C PHE A 149 9.70 -10.42 1.73
N PHE A 150 8.40 -10.48 1.96
CA PHE A 150 7.58 -9.28 2.09
C PHE A 150 7.98 -8.37 3.27
N GLY A 151 8.43 -8.99 4.36
CA GLY A 151 8.83 -8.29 5.57
C GLY A 151 10.07 -7.43 5.39
N LYS A 152 11.13 -8.00 4.84
CA LYS A 152 12.36 -7.22 4.64
C LYS A 152 12.11 -6.10 3.62
N LEU A 153 11.34 -6.40 2.57
CA LEU A 153 11.04 -5.41 1.56
C LEU A 153 10.26 -4.22 2.12
N GLN A 154 9.22 -4.49 2.92
CA GLN A 154 8.41 -3.41 3.49
C GLN A 154 9.22 -2.61 4.53
N GLN A 155 10.03 -3.32 5.31
CA GLN A 155 10.93 -2.67 6.28
C GLN A 155 11.81 -1.58 5.65
N HIS A 156 12.27 -1.84 4.43
CA HIS A 156 13.19 -0.94 3.75
C HIS A 156 12.49 -0.10 2.67
N GLY A 157 11.15 -0.20 2.65
CA GLY A 157 10.30 0.51 1.71
C GLY A 157 10.60 0.25 0.25
N ILE A 158 11.01 -0.99 -0.07
CA ILE A 158 11.35 -1.35 -1.45
C ILE A 158 10.08 -1.53 -2.28
N PRO A 159 9.98 -0.80 -3.42
CA PRO A 159 8.82 -0.97 -4.31
C PRO A 159 8.71 -2.41 -4.83
N VAL A 160 7.52 -2.99 -4.73
CA VAL A 160 7.23 -4.32 -5.25
C VAL A 160 6.05 -4.20 -6.24
N PHE A 161 6.28 -4.63 -7.48
CA PHE A 161 5.28 -4.54 -8.54
C PHE A 161 4.91 -5.98 -8.84
N ILE A 162 3.69 -6.37 -8.45
CA ILE A 162 3.19 -7.71 -8.74
C ILE A 162 2.30 -7.57 -9.96
N PHE A 163 2.73 -8.22 -11.05
CA PHE A 163 2.16 -8.01 -12.38
C PHE A 163 1.64 -9.40 -12.78
N SER A 164 0.32 -9.61 -12.66
CA SER A 164 -0.25 -10.93 -12.77
C SER A 164 -1.28 -11.10 -13.88
N ALA A 165 -1.13 -12.18 -14.66
CA ALA A 165 -2.15 -12.58 -15.64
C ALA A 165 -3.36 -13.25 -14.96
N GLY A 166 -3.35 -13.31 -13.62
CA GLY A 166 -4.42 -13.97 -12.86
C GLY A 166 -5.65 -13.10 -12.62
N ILE A 167 -6.18 -13.12 -11.39
CA ILE A 167 -7.35 -12.29 -11.03
C ILE A 167 -6.94 -11.44 -9.87
N GLY A 168 -6.96 -10.12 -10.06
CA GLY A 168 -6.41 -9.19 -9.09
C GLY A 168 -7.10 -9.23 -7.75
N ASP A 169 -8.43 -9.34 -7.74
CA ASP A 169 -9.19 -9.37 -6.48
C ASP A 169 -8.82 -10.57 -5.64
N VAL A 170 -8.63 -11.70 -6.30
CA VAL A 170 -8.24 -12.94 -5.63
C VAL A 170 -6.81 -12.84 -5.07
N LEU A 171 -5.88 -12.42 -5.91
CA LEU A 171 -4.46 -12.26 -5.52
C LEU A 171 -4.37 -11.35 -4.29
N GLU A 172 -5.09 -10.22 -4.33
CA GLU A 172 -5.07 -9.26 -3.24
C GLU A 172 -5.59 -9.88 -1.95
N GLU A 173 -6.67 -10.65 -2.05
CA GLU A 173 -7.22 -11.32 -0.87
C GLU A 173 -6.27 -12.38 -0.28
N VAL A 174 -5.54 -13.06 -1.16
CA VAL A 174 -4.53 -14.03 -0.73
C VAL A 174 -3.44 -13.38 0.13
N ILE A 175 -2.85 -12.29 -0.38
CA ILE A 175 -1.76 -11.63 0.33
C ILE A 175 -2.25 -10.85 1.54
N ARG A 176 -3.45 -10.29 1.46
CA ARG A 176 -4.08 -9.64 2.62
C ARG A 176 -4.23 -10.64 3.78
N GLN A 177 -4.82 -11.80 3.51
CA GLN A 177 -5.03 -12.79 4.57
C GLN A 177 -3.70 -13.35 5.07
N ALA A 178 -2.70 -13.38 4.20
CA ALA A 178 -1.38 -13.79 4.62
C ALA A 178 -0.64 -12.72 5.45
N GLY A 179 -1.23 -11.54 5.58
CA GLY A 179 -0.60 -10.45 6.33
C GLY A 179 0.58 -9.76 5.64
N VAL A 180 0.64 -9.82 4.32
CA VAL A 180 1.83 -9.28 3.60
C VAL A 180 1.47 -8.29 2.49
N TYR A 181 0.22 -7.84 2.43
CA TYR A 181 -0.16 -6.83 1.44
C TYR A 181 0.14 -5.44 2.00
N HIS A 182 1.43 -5.10 2.03
CA HIS A 182 1.90 -3.85 2.62
C HIS A 182 1.86 -2.71 1.59
N SER A 183 2.09 -1.50 2.07
CA SER A 183 2.01 -0.28 1.24
C SER A 183 2.98 -0.26 0.07
N ASN A 184 4.13 -0.95 0.21
CA ASN A 184 5.14 -1.02 -0.86
C ASN A 184 4.74 -1.93 -2.03
N VAL A 185 3.61 -2.64 -1.88
CA VAL A 185 3.18 -3.66 -2.86
C VAL A 185 2.10 -3.10 -3.84
N LYS A 186 2.44 -2.99 -5.12
CA LYS A 186 1.44 -2.53 -6.10
C LYS A 186 1.02 -3.76 -6.92
N VAL A 187 -0.28 -3.93 -7.12
CA VAL A 187 -0.80 -5.06 -7.86
C VAL A 187 -1.40 -4.58 -9.19
N VAL A 188 -0.86 -5.11 -10.28
CA VAL A 188 -1.42 -4.93 -11.62
C VAL A 188 -1.88 -6.29 -12.14
N SER A 189 -3.18 -6.42 -12.37
CA SER A 189 -3.75 -7.69 -12.81
C SER A 189 -5.09 -7.52 -13.52
N ASN A 190 -5.78 -8.64 -13.75
CA ASN A 190 -7.14 -8.60 -14.30
C ASN A 190 -8.12 -8.46 -13.13
N PHE A 191 -8.64 -7.25 -12.95
CA PHE A 191 -9.53 -6.98 -11.83
C PHE A 191 -10.99 -7.08 -12.23
N MSE A 192 -11.78 -7.60 -11.31
CA MSE A 192 -13.19 -7.82 -11.56
C MSE A 192 -13.95 -6.52 -11.60
O MSE A 192 -13.62 -5.57 -10.88
CB MSE A 192 -13.80 -8.71 -10.47
CG MSE A 192 -13.21 -10.09 -10.41
SE MSE A 192 -13.96 -11.15 -8.97
CE MSE A 192 -13.41 -12.82 -9.59
N ASP A 193 -14.98 -6.52 -12.42
CA ASP A 193 -15.90 -5.41 -12.49
C ASP A 193 -17.23 -5.92 -11.91
N PHE A 194 -17.73 -5.21 -10.91
CA PHE A 194 -18.92 -5.61 -10.16
C PHE A 194 -20.17 -4.76 -10.50
N ASP A 195 -21.34 -5.39 -10.47
CA ASP A 195 -22.58 -4.67 -10.71
C ASP A 195 -23.11 -4.02 -9.44
N GLU A 196 -24.27 -3.36 -9.54
CA GLU A 196 -24.87 -2.61 -8.43
C GLU A 196 -24.99 -3.45 -7.16
N ASN A 197 -25.17 -4.75 -7.33
CA ASN A 197 -25.30 -5.71 -6.22
C ASN A 197 -23.99 -6.33 -5.74
N GLY A 198 -22.86 -5.86 -6.27
CA GLY A 198 -21.54 -6.37 -5.91
C GLY A 198 -21.31 -7.78 -6.45
N VAL A 199 -21.90 -8.08 -7.59
CA VAL A 199 -21.74 -9.35 -8.27
C VAL A 199 -20.88 -9.14 -9.53
N LEU A 200 -19.93 -10.05 -9.76
CA LEU A 200 -19.06 -9.98 -10.94
C LEU A 200 -19.87 -9.94 -12.25
N LYS A 201 -19.62 -8.92 -13.08
CA LYS A 201 -20.24 -8.84 -14.41
C LYS A 201 -19.24 -8.78 -15.57
N GLY A 202 -17.95 -8.71 -15.26
CA GLY A 202 -16.90 -8.58 -16.28
C GLY A 202 -15.56 -8.23 -15.67
N PHE A 203 -14.58 -7.89 -16.52
CA PHE A 203 -13.23 -7.56 -16.06
C PHE A 203 -12.80 -6.18 -16.57
N LYS A 204 -12.01 -5.48 -15.78
CA LYS A 204 -11.61 -4.10 -16.08
C LYS A 204 -10.37 -4.04 -16.96
N GLY A 205 -10.34 -3.01 -17.80
CA GLY A 205 -9.13 -2.65 -18.53
C GLY A 205 -8.80 -3.59 -19.65
N GLU A 206 -7.54 -3.59 -20.04
CA GLU A 206 -7.09 -4.44 -21.11
C GLU A 206 -6.61 -5.75 -20.52
N LEU A 207 -6.96 -6.86 -21.19
CA LEU A 207 -6.62 -8.18 -20.68
C LEU A 207 -5.10 -8.38 -20.53
N ILE A 208 -4.69 -8.89 -19.38
CA ILE A 208 -3.33 -9.35 -19.23
C ILE A 208 -3.32 -10.88 -19.30
N HIS A 209 -2.56 -11.44 -20.23
CA HIS A 209 -2.38 -12.89 -20.29
C HIS A 209 -0.91 -13.21 -20.24
N VAL A 210 -0.59 -14.51 -20.29
CA VAL A 210 0.76 -15.00 -20.10
C VAL A 210 1.76 -14.39 -21.12
N PHE A 211 1.31 -14.03 -22.32
CA PHE A 211 2.23 -13.58 -23.36
C PHE A 211 2.24 -12.08 -23.70
N ASN A 212 1.38 -11.26 -23.10
CA ASN A 212 1.37 -9.83 -23.49
C ASN A 212 1.80 -8.86 -22.36
N LYS A 213 2.63 -9.32 -21.43
CA LYS A 213 2.96 -8.45 -20.31
C LYS A 213 3.80 -7.21 -20.70
N HIS A 214 4.42 -7.27 -21.87
CA HIS A 214 5.08 -6.09 -22.43
C HIS A 214 4.12 -4.89 -22.49
N ASP A 215 2.89 -5.12 -22.97
CA ASP A 215 1.89 -4.06 -23.15
C ASP A 215 1.59 -3.34 -21.83
N GLY A 216 1.20 -4.12 -20.82
CA GLY A 216 0.96 -3.57 -19.49
C GLY A 216 2.18 -2.94 -18.82
N ALA A 217 3.37 -3.50 -19.09
CA ALA A 217 4.61 -2.94 -18.53
C ALA A 217 4.77 -1.49 -19.00
N LEU A 218 4.50 -1.25 -20.29
CA LEU A 218 4.57 0.09 -20.87
C LEU A 218 3.41 1.01 -20.45
N LYS A 219 2.25 0.41 -20.15
CA LYS A 219 1.07 1.20 -19.75
C LYS A 219 1.04 1.55 -18.25
N ASN A 220 2.20 1.46 -17.59
CA ASN A 220 2.33 1.79 -16.18
C ASN A 220 3.45 2.81 -15.95
N THR A 221 3.48 3.81 -16.84
CA THR A 221 4.47 4.90 -16.85
C THR A 221 4.44 5.68 -15.56
N ASP A 222 3.24 6.03 -15.13
CA ASP A 222 3.00 6.65 -13.83
C ASP A 222 3.88 5.97 -12.76
N TYR A 223 3.66 4.66 -12.54
CA TYR A 223 4.45 3.91 -11.56
C TYR A 223 5.97 4.03 -11.77
N PHE A 224 6.45 3.64 -12.95
CA PHE A 224 7.89 3.51 -13.19
C PHE A 224 8.69 4.82 -13.26
N SER A 225 8.07 5.88 -13.76
CA SER A 225 8.74 7.20 -13.77
C SER A 225 8.93 7.77 -12.36
N GLN A 226 7.97 7.49 -11.46
CA GLN A 226 8.09 7.83 -10.03
C GLN A 226 9.30 7.16 -9.40
N LEU A 227 9.72 6.03 -9.98
CA LEU A 227 10.81 5.21 -9.47
C LEU A 227 12.05 5.25 -10.36
N LYS A 228 12.29 6.42 -10.95
CA LYS A 228 13.42 6.64 -11.84
C LYS A 228 14.76 6.24 -11.22
N ASP A 229 14.91 6.58 -9.95
CA ASP A 229 16.14 6.30 -9.21
C ASP A 229 16.33 4.81 -8.89
N ASN A 230 15.25 4.03 -8.94
CA ASN A 230 15.35 2.60 -8.60
C ASN A 230 15.79 1.82 -9.83
N SER A 231 17.07 2.00 -10.16
CA SER A 231 17.63 1.47 -11.39
C SER A 231 18.19 0.06 -11.22
N ASN A 232 18.09 -0.50 -10.01
CA ASN A 232 18.48 -1.90 -9.77
C ASN A 232 17.21 -2.72 -9.60
N ILE A 233 17.08 -3.77 -10.41
CA ILE A 233 15.85 -4.58 -10.45
C ILE A 233 16.10 -6.07 -10.14
N ILE A 234 15.22 -6.64 -9.33
CA ILE A 234 15.11 -8.08 -9.21
C ILE A 234 13.76 -8.47 -9.85
N LEU A 235 13.83 -9.28 -10.89
CA LEU A 235 12.63 -9.77 -11.58
C LEU A 235 12.45 -11.24 -11.21
N LEU A 236 11.24 -11.62 -10.79
CA LEU A 236 10.96 -13.02 -10.50
C LEU A 236 9.83 -13.46 -11.42
N GLY A 237 10.02 -14.59 -12.11
CA GLY A 237 9.01 -15.09 -13.04
C GLY A 237 8.97 -16.61 -12.99
N ASP A 238 8.00 -17.22 -13.66
CA ASP A 238 8.01 -18.67 -13.88
C ASP A 238 7.72 -19.03 -15.33
N SER A 239 7.23 -18.06 -16.13
CA SER A 239 7.04 -18.27 -17.56
C SER A 239 8.08 -17.50 -18.36
N GLN A 240 8.24 -17.84 -19.63
CA GLN A 240 9.03 -17.02 -20.53
C GLN A 240 8.44 -15.60 -20.68
N GLY A 241 7.11 -15.49 -20.68
CA GLY A 241 6.41 -14.20 -20.79
C GLY A 241 6.71 -13.20 -19.66
N ASP A 242 7.15 -13.72 -18.51
CA ASP A 242 7.43 -12.89 -17.33
C ASP A 242 8.71 -12.05 -17.53
N LEU A 243 9.51 -12.44 -18.50
CA LEU A 243 10.75 -11.71 -18.82
C LEU A 243 10.50 -10.32 -19.39
N ARG A 244 9.26 -10.06 -19.82
CA ARG A 244 8.88 -8.77 -20.39
C ARG A 244 8.36 -7.79 -19.34
N MSE A 245 8.30 -8.22 -18.08
CA MSE A 245 7.65 -7.42 -17.04
C MSE A 245 8.38 -6.11 -16.68
O MSE A 245 7.76 -5.19 -16.13
CB MSE A 245 7.44 -8.27 -15.79
CG MSE A 245 6.36 -9.36 -15.92
SE MSE A 245 5.97 -10.13 -14.21
CE MSE A 245 7.68 -10.75 -13.74
N ALA A 246 9.67 -6.06 -16.97
CA ALA A 246 10.51 -4.85 -16.74
C ALA A 246 10.66 -3.97 -17.98
N ASP A 247 9.86 -4.19 -19.02
CA ASP A 247 9.98 -3.39 -20.25
C ASP A 247 9.64 -1.89 -20.07
N GLY A 248 8.91 -1.58 -19.00
CA GLY A 248 8.52 -0.21 -18.70
C GLY A 248 9.50 0.52 -17.81
N VAL A 249 10.56 -0.15 -17.35
CA VAL A 249 11.47 0.48 -16.41
C VAL A 249 12.26 1.62 -17.08
N ALA A 250 12.05 2.81 -16.51
CA ALA A 250 12.76 4.03 -16.81
C ALA A 250 14.26 3.82 -17.16
N ASN A 251 15.09 3.53 -16.16
N ASN A 251 15.09 3.55 -16.16
CA ASN A 251 16.50 3.28 -16.40
CA ASN A 251 16.52 3.33 -16.35
C ASN A 251 16.99 2.07 -15.63
C ASN A 251 16.96 2.06 -15.63
N VAL A 252 17.81 1.25 -16.29
CA VAL A 252 18.29 0.01 -15.70
C VAL A 252 19.80 0.03 -15.55
N GLU A 253 20.26 -0.06 -14.31
CA GLU A 253 21.68 -0.16 -14.03
C GLU A 253 22.04 -1.64 -13.89
N HIS A 254 21.33 -2.35 -13.01
CA HIS A 254 21.49 -3.80 -12.85
C HIS A 254 20.13 -4.43 -12.77
N ILE A 255 19.96 -5.52 -13.50
CA ILE A 255 18.75 -6.33 -13.37
C ILE A 255 19.12 -7.81 -13.25
N LEU A 256 18.56 -8.46 -12.23
CA LEU A 256 18.73 -9.90 -12.04
C LEU A 256 17.40 -10.58 -12.31
N LYS A 257 17.42 -11.62 -13.15
CA LYS A 257 16.23 -12.33 -13.51
C LYS A 257 16.24 -13.75 -12.98
N ILE A 258 15.25 -14.06 -12.15
CA ILE A 258 15.17 -15.35 -11.44
C ILE A 258 13.90 -16.06 -11.88
N GLY A 259 14.05 -17.26 -12.41
CA GLY A 259 12.92 -17.96 -12.99
C GLY A 259 12.66 -19.29 -12.34
N TYR A 260 11.44 -19.46 -11.83
CA TYR A 260 10.98 -20.75 -11.34
C TYR A 260 10.57 -21.61 -12.52
N LEU A 261 11.28 -22.72 -12.68
CA LEU A 261 10.90 -23.74 -13.65
C LEU A 261 10.18 -24.90 -12.90
N ASN A 262 8.86 -24.87 -12.94
CA ASN A 262 8.02 -25.70 -12.07
C ASN A 262 7.62 -27.01 -12.69
N ASP A 263 7.66 -27.06 -14.02
CA ASP A 263 7.33 -28.26 -14.76
C ASP A 263 7.87 -28.15 -16.17
N ARG A 264 7.59 -29.15 -17.01
CA ARG A 264 8.16 -29.23 -18.37
C ARG A 264 9.68 -29.03 -18.28
N VAL A 265 10.29 -29.60 -17.25
CA VAL A 265 11.67 -29.32 -16.90
C VAL A 265 12.68 -29.70 -18.00
N ASP A 266 12.61 -30.94 -18.48
CA ASP A 266 13.52 -31.43 -19.53
C ASP A 266 13.37 -30.61 -20.82
N GLU A 267 12.12 -30.37 -21.21
CA GLU A 267 11.81 -29.54 -22.37
C GLU A 267 12.35 -28.11 -22.27
N LEU A 268 12.23 -27.47 -21.11
CA LEU A 268 12.46 -26.01 -21.01
C LEU A 268 13.76 -25.55 -20.35
N LEU A 269 14.49 -26.48 -19.73
CA LEU A 269 15.62 -26.12 -18.88
C LEU A 269 16.69 -25.29 -19.60
N GLU A 270 17.14 -25.79 -20.74
CA GLU A 270 18.10 -25.06 -21.59
C GLU A 270 17.62 -23.62 -21.89
N LYS A 271 16.38 -23.48 -22.35
CA LYS A 271 15.83 -22.17 -22.67
C LYS A 271 15.76 -21.25 -21.44
N TYR A 272 15.31 -21.78 -20.31
CA TYR A 272 15.28 -21.04 -19.04
C TYR A 272 16.67 -20.60 -18.60
N MSE A 273 17.65 -21.50 -18.73
CA MSE A 273 19.02 -21.19 -18.33
C MSE A 273 19.68 -20.14 -19.23
O MSE A 273 20.56 -19.41 -18.78
CB MSE A 273 19.87 -22.48 -18.26
CG MSE A 273 19.51 -23.37 -17.05
SE MSE A 273 20.70 -24.86 -16.85
CE MSE A 273 22.32 -23.86 -16.31
N ASP A 274 19.24 -20.07 -20.49
CA ASP A 274 19.70 -19.03 -21.43
C ASP A 274 19.08 -17.66 -21.15
N SER A 275 17.83 -17.66 -20.69
CA SER A 275 17.04 -16.42 -20.60
C SER A 275 16.87 -15.86 -19.18
N TYR A 276 16.93 -16.70 -18.16
CA TYR A 276 16.98 -16.24 -16.76
C TYR A 276 18.41 -16.40 -16.26
N ASP A 277 18.87 -15.46 -15.44
CA ASP A 277 20.18 -15.55 -14.80
C ASP A 277 20.23 -16.74 -13.83
N ILE A 278 19.16 -16.92 -13.08
CA ILE A 278 19.07 -18.01 -12.09
C ILE A 278 17.79 -18.78 -12.33
N VAL A 279 17.93 -20.08 -12.48
CA VAL A 279 16.75 -20.95 -12.67
C VAL A 279 16.58 -21.81 -11.41
N LEU A 280 15.37 -21.82 -10.86
CA LEU A 280 15.04 -22.63 -9.70
C LEU A 280 14.10 -23.73 -10.13
N VAL A 281 14.61 -24.95 -10.11
CA VAL A 281 13.91 -26.11 -10.65
C VAL A 281 13.10 -26.81 -9.56
N LYS A 282 11.78 -26.84 -9.73
CA LYS A 282 10.84 -27.51 -8.82
C LYS A 282 11.11 -27.05 -7.38
N GLU A 283 11.16 -25.74 -7.22
CA GLU A 283 11.57 -25.10 -5.97
C GLU A 283 10.39 -24.35 -5.39
N GLU A 284 10.00 -24.71 -4.17
CA GLU A 284 8.83 -24.09 -3.55
C GLU A 284 9.15 -23.06 -2.48
N SER A 285 10.36 -22.50 -2.51
CA SER A 285 10.77 -21.47 -1.54
C SER A 285 11.32 -20.22 -2.20
N LEU A 286 11.37 -19.14 -1.40
CA LEU A 286 12.01 -17.89 -1.78
C LEU A 286 13.40 -17.71 -1.16
N GLU A 287 14.01 -18.80 -0.71
CA GLU A 287 15.28 -18.64 -0.01
C GLU A 287 16.43 -18.02 -0.85
N VAL A 288 16.51 -18.32 -2.14
CA VAL A 288 17.55 -17.72 -2.98
C VAL A 288 17.34 -16.19 -3.07
N VAL A 289 16.13 -15.73 -3.36
CA VAL A 289 15.93 -14.28 -3.45
C VAL A 289 16.12 -13.63 -2.07
N ASN A 290 15.60 -14.26 -1.02
CA ASN A 290 15.81 -13.77 0.34
C ASN A 290 17.28 -13.65 0.71
N SER A 291 18.11 -14.60 0.26
CA SER A 291 19.57 -14.52 0.54
C SER A 291 20.23 -13.31 -0.15
N ILE A 292 19.73 -12.97 -1.33
CA ILE A 292 20.22 -11.80 -2.07
C ILE A 292 19.78 -10.49 -1.38
N LEU A 293 18.51 -10.44 -0.97
CA LEU A 293 17.99 -9.32 -0.17
C LEU A 293 18.76 -9.09 1.14
N GLN A 294 19.14 -10.19 1.79
CA GLN A 294 19.91 -10.15 3.04
C GLN A 294 21.25 -9.46 2.82
N LYS A 295 21.93 -9.78 1.73
CA LYS A 295 23.19 -9.09 1.37
C LYS A 295 22.96 -7.61 0.96
N THR A 296 21.78 -7.29 0.41
CA THR A 296 21.55 -6.01 -0.28
C THR A 296 20.99 -4.94 0.64
N LEU A 297 20.10 -5.33 1.54
CA LEU A 297 19.33 -4.34 2.27
C LEU A 297 20.02 -3.90 3.55
N ALA B 7 -30.88 -0.25 13.86
CA ALA B 7 -30.91 1.15 14.38
C ALA B 7 -29.70 1.45 15.26
N VAL B 8 -29.25 2.70 15.25
CA VAL B 8 -28.12 3.11 16.06
C VAL B 8 -28.58 3.86 17.30
N HIS B 9 -28.05 3.46 18.46
CA HIS B 9 -28.31 4.14 19.72
C HIS B 9 -27.00 4.38 20.45
N LEU B 10 -26.59 5.64 20.51
CA LEU B 10 -25.31 6.02 21.14
C LEU B 10 -25.34 5.68 22.62
N LYS B 11 -26.54 5.73 23.21
CA LYS B 11 -26.71 5.41 24.63
C LYS B 11 -26.22 4.01 24.96
N MSE B 12 -26.34 3.10 24.00
CA MSE B 12 -26.03 1.69 24.20
C MSE B 12 -24.64 1.32 23.71
O MSE B 12 -24.30 0.14 23.68
CB MSE B 12 -27.06 0.83 23.48
CG MSE B 12 -28.51 1.19 23.80
SE MSE B 12 -29.67 -0.26 23.29
CE MSE B 12 -29.22 -0.52 21.49
N MSE B 13 -23.87 2.32 23.31
CA MSE B 13 -22.48 2.12 22.94
C MSE B 13 -21.59 2.66 24.08
O MSE B 13 -21.50 3.87 24.23
CB MSE B 13 -22.18 2.83 21.62
CG MSE B 13 -22.89 2.20 20.43
SE MSE B 13 -22.61 3.12 18.75
CE MSE B 13 -23.70 4.34 18.91
N PRO B 14 -20.94 1.76 24.84
CA PRO B 14 -20.13 2.17 26.00
C PRO B 14 -19.05 3.21 25.68
N GLU B 15 -18.46 3.10 24.50
CA GLU B 15 -17.40 4.01 24.05
C GLU B 15 -17.90 5.45 23.98
N PHE B 16 -19.19 5.60 23.72
CA PHE B 16 -19.81 6.92 23.62
C PHE B 16 -20.20 7.53 24.98
N GLN B 17 -20.04 6.77 26.06
CA GLN B 17 -20.33 7.27 27.39
C GLN B 17 -19.08 7.81 28.12
N LYS B 18 -17.92 7.71 27.49
CA LYS B 18 -16.69 8.24 28.07
C LYS B 18 -16.84 9.77 28.18
N SER B 19 -16.32 10.37 29.26
CA SER B 19 -16.52 11.80 29.52
C SER B 19 -15.87 12.71 28.46
N SER B 20 -14.88 12.18 27.73
CA SER B 20 -14.21 12.91 26.66
C SER B 20 -15.11 13.13 25.42
N VAL B 21 -16.21 12.38 25.34
CA VAL B 21 -17.09 12.37 24.16
C VAL B 21 -18.14 13.49 24.26
N ARG B 22 -18.04 14.47 23.34
CA ARG B 22 -18.99 15.60 23.27
C ARG B 22 -19.67 15.67 21.90
N ILE B 23 -21.00 15.68 21.92
CA ILE B 23 -21.78 15.58 20.69
C ILE B 23 -22.97 16.52 20.77
N LYS B 24 -22.99 17.51 19.89
CA LYS B 24 -24.05 18.53 19.90
C LYS B 24 -25.40 17.96 19.46
N ASN B 25 -25.38 17.11 18.43
CA ASN B 25 -26.62 16.65 17.85
C ASN B 25 -26.58 15.12 17.74
N PRO B 26 -26.86 14.41 18.87
CA PRO B 26 -26.77 12.94 18.88
C PRO B 26 -27.73 12.24 17.91
N THR B 27 -28.91 12.82 17.68
CA THR B 27 -29.88 12.23 16.74
C THR B 27 -29.30 12.23 15.32
N ARG B 28 -28.72 13.36 14.92
CA ARG B 28 -28.03 13.49 13.64
C ARG B 28 -26.85 12.50 13.52
N VAL B 29 -26.06 12.38 14.58
CA VAL B 29 -24.92 11.43 14.61
C VAL B 29 -25.40 9.98 14.42
N GLU B 30 -26.50 9.63 15.09
CA GLU B 30 -27.10 8.29 14.92
C GLU B 30 -27.58 8.01 13.51
N GLU B 31 -28.20 9.00 12.88
CA GLU B 31 -28.60 8.81 11.49
C GLU B 31 -27.41 8.74 10.50
N ILE B 32 -26.34 9.48 10.73
CA ILE B 32 -25.15 9.33 9.87
C ILE B 32 -24.57 7.92 10.01
N ILE B 33 -24.38 7.49 11.27
CA ILE B 33 -23.80 6.16 11.55
C ILE B 33 -24.71 5.06 11.02
N CYS B 34 -26.02 5.23 11.18
CA CYS B 34 -26.99 4.37 10.55
C CYS B 34 -26.70 4.17 9.06
N GLY B 35 -26.48 5.27 8.34
CA GLY B 35 -26.14 5.22 6.91
C GLY B 35 -24.82 4.51 6.65
N LEU B 36 -23.82 4.75 7.48
CA LEU B 36 -22.54 4.06 7.36
C LEU B 36 -22.70 2.53 7.44
N ILE B 37 -23.43 2.08 8.45
CA ILE B 37 -23.70 0.66 8.63
C ILE B 37 -24.41 0.09 7.40
N LYS B 38 -25.45 0.80 6.94
CA LYS B 38 -26.21 0.37 5.76
C LYS B 38 -25.31 0.11 4.55
N GLY B 39 -24.34 0.97 4.33
CA GLY B 39 -23.45 0.84 3.18
C GLY B 39 -22.36 -0.21 3.38
N GLY B 40 -22.05 -0.55 4.63
CA GLY B 40 -21.00 -1.53 4.93
C GLY B 40 -19.65 -1.21 4.31
N ALA B 41 -18.80 -2.23 4.20
CA ALA B 41 -17.45 -2.10 3.65
C ALA B 41 -17.40 -1.52 2.23
N ALA B 42 -18.29 -1.96 1.36
CA ALA B 42 -18.23 -1.56 -0.06
C ALA B 42 -18.32 -0.04 -0.30
N LYS B 43 -18.89 0.69 0.64
CA LYS B 43 -19.10 2.13 0.44
C LYS B 43 -18.22 3.00 1.29
N LEU B 44 -17.46 2.39 2.19
CA LEU B 44 -16.68 3.15 3.17
C LEU B 44 -15.31 3.61 2.66
N GLN B 45 -14.92 4.83 3.00
CA GLN B 45 -13.51 5.25 3.00
C GLN B 45 -13.20 6.16 4.20
N ILE B 46 -11.93 6.25 4.56
CA ILE B 46 -11.47 7.04 5.68
C ILE B 46 -10.58 8.15 5.17
N ILE B 47 -10.77 9.33 5.70
CA ILE B 47 -9.93 10.47 5.37
C ILE B 47 -9.49 11.05 6.72
N THR B 48 -8.18 11.17 6.93
CA THR B 48 -7.70 11.49 8.24
C THR B 48 -6.41 12.31 8.13
N ASP B 49 -6.16 13.22 9.07
CA ASP B 49 -4.79 13.77 9.15
C ASP B 49 -3.97 12.81 10.01
N PHE B 50 -2.74 13.19 10.32
CA PHE B 50 -1.90 12.31 11.10
C PHE B 50 -1.57 12.89 12.47
N ASP B 51 -0.73 13.93 12.50
CA ASP B 51 -0.24 14.50 13.75
C ASP B 51 -1.37 14.85 14.72
N MSE B 52 -1.37 14.30 15.92
CA MSE B 52 -2.32 14.66 16.99
C MSE B 52 -3.70 14.08 16.81
O MSE B 52 -4.54 14.30 17.66
CB MSE B 52 -2.42 16.18 17.22
CG MSE B 52 -1.09 16.94 17.19
SE MSE B 52 0.17 16.58 18.60
CE MSE B 52 1.22 15.19 17.74
N THR B 53 -3.92 13.39 15.69
CA THR B 53 -5.18 12.69 15.35
C THR B 53 -4.91 11.18 15.41
N LEU B 54 -3.94 10.69 14.65
CA LEU B 54 -3.52 9.27 14.73
C LEU B 54 -2.41 9.07 15.75
N SER B 55 -1.63 10.12 15.93
CA SER B 55 -0.58 10.18 16.92
C SER B 55 -1.11 10.94 18.14
N ARG B 56 -0.50 10.67 19.29
CA ARG B 56 -0.89 11.28 20.56
C ARG B 56 -0.43 12.71 20.69
N PHE B 57 -1.22 13.51 21.38
CA PHE B 57 -0.87 14.90 21.69
C PHE B 57 0.08 14.99 22.88
N SER B 58 -0.17 14.18 23.91
CA SER B 58 0.74 14.16 25.04
C SER B 58 0.79 12.80 25.72
N TYR B 59 1.85 12.63 26.50
CA TYR B 59 2.11 11.41 27.25
C TYR B 59 2.82 11.76 28.56
N ASN B 60 2.21 11.34 29.66
CA ASN B 60 2.71 11.62 31.02
C ASN B 60 3.01 13.11 31.28
N GLY B 61 2.11 13.96 30.79
CA GLY B 61 2.18 15.41 30.98
C GLY B 61 3.25 16.07 30.12
N LYS B 62 3.82 15.26 29.22
CA LYS B 62 4.86 15.71 28.33
C LYS B 62 4.31 15.64 26.92
N ARG B 63 4.40 16.75 26.21
CA ARG B 63 3.86 16.80 24.88
C ARG B 63 4.67 15.94 23.92
N CYS B 64 3.93 15.10 23.16
CA CYS B 64 4.46 14.19 22.14
C CYS B 64 4.82 14.93 20.87
N PRO B 65 5.80 14.42 20.11
CA PRO B 65 6.22 15.14 18.92
C PRO B 65 5.29 14.96 17.72
N THR B 66 5.14 16.04 16.96
CA THR B 66 4.66 15.95 15.59
C THR B 66 5.78 15.33 14.76
N CYS B 67 5.47 14.93 13.52
CA CYS B 67 6.52 14.42 12.62
C CYS B 67 7.66 15.42 12.42
N HIS B 68 7.31 16.71 12.35
CA HIS B 68 8.32 17.77 12.22
C HIS B 68 9.23 17.79 13.47
N ASN B 69 8.63 17.65 14.66
CA ASN B 69 9.36 17.65 15.94
C ASN B 69 10.30 16.45 16.10
N ILE B 70 9.94 15.32 15.49
CA ILE B 70 10.80 14.14 15.45
C ILE B 70 12.17 14.50 14.87
N ILE B 71 12.18 15.26 13.77
CA ILE B 71 13.42 15.80 13.23
C ILE B 71 14.00 16.93 14.09
N ASP B 72 13.17 17.88 14.53
CA ASP B 72 13.67 18.96 15.39
C ASP B 72 14.49 18.44 16.59
N ASN B 73 14.03 17.34 17.16
CA ASN B 73 14.54 16.84 18.44
C ASN B 73 15.63 15.78 18.30
N CYS B 74 15.91 15.34 17.08
CA CYS B 74 16.84 14.23 16.84
C CYS B 74 18.32 14.61 17.03
N LYS B 75 19.18 13.59 16.98
CA LYS B 75 20.62 13.73 17.25
C LYS B 75 21.33 14.50 16.12
N LEU B 76 20.72 14.55 14.94
CA LEU B 76 21.30 15.25 13.80
C LEU B 76 21.05 16.76 13.80
N VAL B 77 20.26 17.25 14.75
CA VAL B 77 19.92 18.66 14.85
C VAL B 77 20.53 19.26 16.14
N THR B 78 21.19 20.42 15.99
CA THR B 78 21.89 21.10 17.09
C THR B 78 20.95 21.88 18.02
N ASP B 79 21.46 22.23 19.19
CA ASP B 79 20.71 23.03 20.15
C ASP B 79 20.38 24.43 19.61
N GLU B 80 21.30 25.02 18.86
CA GLU B 80 21.09 26.35 18.29
C GLU B 80 20.03 26.35 17.18
N CYS B 81 19.99 25.27 16.40
CA CYS B 81 18.88 25.09 15.47
C CYS B 81 17.52 24.96 16.20
N ARG B 82 17.47 24.17 17.26
CA ARG B 82 16.25 24.01 18.06
C ARG B 82 15.79 25.31 18.71
N ARG B 83 16.76 26.15 19.08
CA ARG B 83 16.49 27.48 19.58
C ARG B 83 15.77 28.29 18.51
N LYS B 84 16.24 28.22 17.27
CA LYS B 84 15.66 28.97 16.17
C LYS B 84 14.30 28.40 15.79
N LEU B 85 14.17 27.07 15.77
CA LEU B 85 12.89 26.41 15.52
C LEU B 85 11.83 26.81 16.56
N LEU B 86 12.26 26.93 17.81
CA LEU B 86 11.37 27.30 18.89
C LEU B 86 10.93 28.76 18.75
N GLN B 87 11.86 29.64 18.42
CA GLN B 87 11.55 31.04 18.17
C GLN B 87 10.55 31.21 17.02
N LEU B 88 10.78 30.51 15.91
CA LEU B 88 9.84 30.48 14.78
C LEU B 88 8.43 30.07 15.24
N LYS B 89 8.39 29.00 16.04
CA LYS B 89 7.14 28.44 16.55
C LYS B 89 6.39 29.42 17.45
N GLU B 90 7.12 30.04 18.38
CA GLU B 90 6.53 31.02 19.29
C GLU B 90 5.91 32.20 18.54
N GLN B 91 6.62 32.73 17.54
CA GLN B 91 6.14 33.84 16.71
C GLN B 91 4.97 33.45 15.80
N TYR B 92 5.13 32.35 15.09
CA TYR B 92 4.15 31.91 14.09
C TYR B 92 2.93 31.17 14.65
N TYR B 93 3.09 30.43 15.75
CA TYR B 93 1.95 29.77 16.37
C TYR B 93 0.98 30.79 16.96
N ALA B 94 1.50 31.91 17.44
CA ALA B 94 0.65 33.00 17.94
C ALA B 94 -0.29 33.53 16.84
N ILE B 95 0.22 33.58 15.61
CA ILE B 95 -0.58 33.94 14.45
C ILE B 95 -1.58 32.82 14.10
N GLU B 96 -1.13 31.57 14.13
CA GLU B 96 -2.03 30.45 13.88
C GLU B 96 -3.26 30.52 14.81
N VAL B 97 -3.05 30.85 16.09
CA VAL B 97 -4.15 30.82 17.08
C VAL B 97 -4.81 32.19 17.27
N ASP B 98 -4.40 33.16 16.48
CA ASP B 98 -4.86 34.53 16.64
C ASP B 98 -6.34 34.68 16.33
N PRO B 99 -7.15 35.11 17.31
CA PRO B 99 -8.60 35.19 17.11
C PRO B 99 -9.06 36.31 16.16
N VAL B 100 -8.23 37.31 15.90
CA VAL B 100 -8.65 38.48 15.11
C VAL B 100 -8.47 38.30 13.60
N LEU B 101 -7.34 37.72 13.21
CA LEU B 101 -7.01 37.45 11.81
C LEU B 101 -7.97 36.41 11.21
N THR B 102 -8.40 36.63 9.97
CA THR B 102 -9.21 35.63 9.29
C THR B 102 -8.29 34.48 8.89
N VAL B 103 -8.85 33.29 8.65
CA VAL B 103 -8.04 32.13 8.26
C VAL B 103 -7.27 32.40 6.96
N GLU B 104 -7.92 33.10 6.02
CA GLU B 104 -7.31 33.48 4.75
C GLU B 104 -6.08 34.36 5.00
N GLU B 105 -6.21 35.35 5.89
CA GLU B 105 -5.08 36.22 6.28
C GLU B 105 -3.90 35.44 6.87
N LYS B 106 -4.16 34.28 7.45
CA LYS B 106 -3.11 33.49 8.08
C LYS B 106 -2.29 32.68 7.05
N PHE B 107 -2.84 32.50 5.85
CA PHE B 107 -2.19 31.71 4.79
C PHE B 107 -0.72 32.06 4.53
N PRO B 108 -0.39 33.35 4.20
CA PRO B 108 1.03 33.66 3.94
C PRO B 108 1.94 33.44 5.14
N TYR B 109 1.41 33.64 6.35
CA TYR B 109 2.14 33.39 7.59
C TYR B 109 2.47 31.91 7.73
N MSE B 110 1.51 31.04 7.41
CA MSE B 110 1.75 29.58 7.49
C MSE B 110 2.80 29.15 6.45
O MSE B 110 3.71 28.37 6.75
CB MSE B 110 0.45 28.79 7.32
CG MSE B 110 -0.55 29.03 8.44
SE MSE B 110 0.14 28.68 10.26
CE MSE B 110 0.71 30.43 10.76
N VAL B 111 2.70 29.71 5.25
CA VAL B 111 3.69 29.42 4.20
C VAL B 111 5.08 29.83 4.71
N GLU B 112 5.19 31.02 5.32
CA GLU B 112 6.47 31.50 5.85
C GLU B 112 7.06 30.59 6.91
N TRP B 113 6.24 30.28 7.92
CA TRP B 113 6.64 29.40 9.00
C TRP B 113 7.16 28.05 8.50
N TYR B 114 6.36 27.34 7.71
CA TYR B 114 6.78 26.01 7.20
C TYR B 114 7.99 26.08 6.26
N THR B 115 8.08 27.11 5.41
CA THR B 115 9.26 27.31 4.54
C THR B 115 10.51 27.55 5.37
N LYS B 116 10.40 28.39 6.39
CA LYS B 116 11.54 28.73 7.26
C LYS B 116 11.98 27.55 8.13
N SER B 117 11.02 26.82 8.70
CA SER B 117 11.33 25.67 9.55
C SER B 117 11.88 24.49 8.72
N HIS B 118 11.29 24.22 7.55
CA HIS B 118 11.84 23.22 6.64
C HIS B 118 13.27 23.64 6.20
N GLY B 119 13.48 24.93 5.98
CA GLY B 119 14.81 25.47 5.60
C GLY B 119 15.89 25.26 6.66
N LEU B 120 15.49 25.35 7.94
CA LEU B 120 16.38 25.07 9.05
C LEU B 120 16.77 23.59 9.11
N LEU B 121 15.82 22.70 8.82
CA LEU B 121 16.12 21.27 8.76
C LEU B 121 17.06 20.95 7.61
N ILE B 122 16.81 21.54 6.43
CA ILE B 122 17.67 21.35 5.25
C ILE B 122 19.15 21.69 5.52
N GLU B 123 19.37 22.77 6.25
CA GLU B 123 20.72 23.21 6.63
C GLU B 123 21.40 22.22 7.57
N GLN B 124 20.60 21.55 8.41
CA GLN B 124 21.12 20.55 9.36
C GLN B 124 21.67 19.27 8.72
N GLY B 125 21.33 18.99 7.47
CA GLY B 125 21.85 17.81 6.77
C GLY B 125 21.23 16.48 7.21
N ILE B 126 19.99 16.25 6.81
CA ILE B 126 19.26 15.04 7.19
C ILE B 126 19.34 13.96 6.09
N PRO B 127 20.06 12.84 6.34
CA PRO B 127 20.06 11.74 5.36
C PRO B 127 18.82 10.85 5.43
N LYS B 128 18.31 10.44 4.27
CA LYS B 128 17.20 9.51 4.18
C LYS B 128 17.47 8.22 4.97
N ALA B 129 18.71 7.74 4.87
CA ALA B 129 19.16 6.50 5.49
C ALA B 129 19.01 6.50 7.01
N LYS B 130 19.05 7.69 7.61
CA LYS B 130 19.00 7.82 9.07
C LYS B 130 17.56 7.95 9.62
N LEU B 131 16.55 8.03 8.74
CA LEU B 131 15.16 8.31 9.20
C LEU B 131 14.58 7.20 10.06
N LYS B 132 14.89 5.95 9.72
CA LYS B 132 14.58 4.77 10.53
C LYS B 132 15.06 4.90 11.99
N GLU B 133 16.37 5.11 12.21
CA GLU B 133 16.95 5.32 13.55
C GLU B 133 16.30 6.47 14.29
N ILE B 134 16.19 7.61 13.61
CA ILE B 134 15.62 8.83 14.17
C ILE B 134 14.21 8.55 14.68
N VAL B 135 13.40 7.86 13.88
CA VAL B 135 12.02 7.51 14.27
C VAL B 135 11.99 6.50 15.43
N ALA B 136 12.83 5.46 15.35
CA ALA B 136 12.96 4.47 16.40
C ALA B 136 13.37 5.07 17.76
N ASP B 137 14.25 6.08 17.71
CA ASP B 137 14.74 6.73 18.92
C ASP B 137 13.83 7.88 19.39
N SER B 138 12.83 8.24 18.59
CA SER B 138 11.96 9.37 18.91
C SER B 138 10.92 9.04 19.99
N ASP B 139 10.22 10.07 20.47
CA ASP B 139 9.11 9.90 21.43
C ASP B 139 7.72 9.85 20.80
N VAL B 140 7.65 9.56 19.51
CA VAL B 140 6.33 9.52 18.84
C VAL B 140 5.44 8.42 19.41
N MSE B 141 4.15 8.69 19.53
CA MSE B 141 3.23 7.66 19.98
C MSE B 141 1.97 7.63 19.16
O MSE B 141 1.41 8.67 18.88
CB MSE B 141 2.76 7.92 21.42
CG MSE B 141 3.82 8.02 22.47
SE MSE B 141 3.30 6.67 23.72
CE MSE B 141 3.88 5.16 22.53
N LEU B 142 1.49 6.45 18.80
CA LEU B 142 0.20 6.36 18.16
C LEU B 142 -0.92 6.29 19.20
N LYS B 143 -2.10 6.82 18.86
CA LYS B 143 -3.24 6.72 19.77
C LYS B 143 -3.56 5.26 20.10
N GLU B 144 -3.95 5.03 21.36
CA GLU B 144 -4.41 3.74 21.81
C GLU B 144 -5.50 3.17 20.89
N GLY B 145 -5.32 1.91 20.48
CA GLY B 145 -6.26 1.25 19.58
C GLY B 145 -5.90 1.32 18.10
N TYR B 146 -4.70 1.83 17.80
CA TYR B 146 -4.24 1.97 16.43
C TYR B 146 -4.11 0.62 15.69
N GLU B 147 -3.73 -0.45 16.41
CA GLU B 147 -3.62 -1.77 15.79
C GLU B 147 -4.97 -2.27 15.25
N ASN B 148 -6.04 -2.23 16.05
CA ASN B 148 -7.32 -2.61 15.47
C ASN B 148 -7.94 -1.62 14.51
N PHE B 149 -7.59 -0.35 14.64
CA PHE B 149 -8.01 0.66 13.66
C PHE B 149 -7.50 0.25 12.27
N PHE B 150 -6.19 0.25 12.12
CA PHE B 150 -5.56 -0.11 10.86
C PHE B 150 -5.84 -1.57 10.42
N GLY B 151 -5.97 -2.45 11.41
CA GLY B 151 -6.16 -3.88 11.18
C GLY B 151 -7.53 -4.19 10.60
N LYS B 152 -8.58 -3.66 11.21
CA LYS B 152 -9.93 -3.92 10.68
C LYS B 152 -10.09 -3.28 9.29
N LEU B 153 -9.51 -2.09 9.10
CA LEU B 153 -9.59 -1.42 7.80
C LEU B 153 -8.90 -2.19 6.69
N GLN B 154 -7.69 -2.70 6.95
CA GLN B 154 -6.95 -3.45 5.94
C GLN B 154 -7.61 -4.80 5.67
N GLN B 155 -8.14 -5.43 6.74
CA GLN B 155 -8.90 -6.67 6.59
C GLN B 155 -10.03 -6.56 5.57
N HIS B 156 -10.70 -5.42 5.57
CA HIS B 156 -11.86 -5.22 4.71
C HIS B 156 -11.54 -4.38 3.48
N GLY B 157 -10.25 -4.11 3.29
CA GLY B 157 -9.75 -3.34 2.16
C GLY B 157 -10.30 -1.91 2.04
N ILE B 158 -10.53 -1.26 3.18
CA ILE B 158 -11.10 0.08 3.23
C ILE B 158 -10.02 1.13 2.91
N PRO B 159 -10.26 1.98 1.89
CA PRO B 159 -9.31 3.03 1.56
C PRO B 159 -9.09 3.98 2.73
N VAL B 160 -7.83 4.24 3.06
CA VAL B 160 -7.46 5.21 4.09
C VAL B 160 -6.57 6.27 3.44
N PHE B 161 -7.00 7.53 3.49
CA PHE B 161 -6.26 8.63 2.90
C PHE B 161 -5.75 9.43 4.08
N ILE B 162 -4.43 9.37 4.31
CA ILE B 162 -3.80 10.14 5.39
C ILE B 162 -3.21 11.39 4.76
N PHE B 163 -3.74 12.55 5.14
CA PHE B 163 -3.51 13.82 4.46
C PHE B 163 -2.90 14.73 5.53
N SER B 164 -1.56 14.88 5.47
CA SER B 164 -0.84 15.48 6.58
C SER B 164 -0.04 16.72 6.21
N ALA B 165 -0.17 17.76 7.04
CA ALA B 165 0.63 18.97 6.89
C ALA B 165 2.06 18.74 7.45
N GLY B 166 2.35 17.51 7.89
CA GLY B 166 3.63 17.17 8.50
C GLY B 166 4.74 16.85 7.50
N ILE B 167 5.51 15.79 7.78
CA ILE B 167 6.59 15.37 6.86
C ILE B 167 6.30 13.95 6.47
N GLY B 168 6.06 13.73 5.18
CA GLY B 168 5.63 12.44 4.68
C GLY B 168 6.58 11.29 4.98
N ASP B 169 7.88 11.53 4.79
CA ASP B 169 8.88 10.47 4.99
C ASP B 169 8.89 10.02 6.44
N VAL B 170 8.71 10.95 7.37
CA VAL B 170 8.69 10.65 8.79
C VAL B 170 7.42 9.89 9.17
N LEU B 171 6.28 10.41 8.72
CA LEU B 171 4.97 9.77 8.96
C LEU B 171 5.02 8.30 8.50
N GLU B 172 5.49 8.08 7.28
CA GLU B 172 5.54 6.74 6.72
C GLU B 172 6.40 5.82 7.56
N GLU B 173 7.56 6.33 8.02
CA GLU B 173 8.45 5.53 8.84
C GLU B 173 7.83 5.19 10.20
N VAL B 174 7.02 6.11 10.74
CA VAL B 174 6.31 5.86 11.99
C VAL B 174 5.32 4.69 11.85
N ILE B 175 4.47 4.75 10.81
CA ILE B 175 3.46 3.70 10.64
C ILE B 175 4.07 2.38 10.14
N ARG B 176 5.15 2.47 9.35
CA ARG B 176 5.90 1.28 8.94
C ARG B 176 6.48 0.53 10.15
N GLN B 177 7.19 1.23 11.04
CA GLN B 177 7.71 0.59 12.26
C GLN B 177 6.60 0.10 13.18
N ALA B 178 5.44 0.76 13.15
CA ALA B 178 4.32 0.28 13.95
C ALA B 178 3.63 -0.94 13.32
N GLY B 179 4.05 -1.33 12.11
CA GLY B 179 3.45 -2.48 11.42
C GLY B 179 2.05 -2.25 10.86
N VAL B 180 1.70 -0.99 10.59
CA VAL B 180 0.35 -0.65 10.13
C VAL B 180 0.29 0.13 8.81
N TYR B 181 1.42 0.20 8.10
CA TYR B 181 1.43 0.85 6.79
C TYR B 181 1.04 -0.14 5.70
N HIS B 182 -0.25 -0.48 5.67
CA HIS B 182 -0.79 -1.50 4.75
C HIS B 182 -1.13 -0.88 3.38
N SER B 183 -1.44 -1.77 2.42
CA SER B 183 -1.74 -1.38 1.03
C SER B 183 -2.92 -0.43 0.91
N ASN B 184 -3.89 -0.52 1.82
CA ASN B 184 -5.06 0.36 1.79
C ASN B 184 -4.75 1.81 2.21
N VAL B 185 -3.54 2.07 2.70
CA VAL B 185 -3.18 3.37 3.28
C VAL B 185 -2.43 4.25 2.26
N LYS B 186 -3.04 5.37 1.84
CA LYS B 186 -2.35 6.30 0.96
C LYS B 186 -1.91 7.51 1.77
N VAL B 187 -0.67 7.94 1.60
CA VAL B 187 -0.14 9.09 2.34
C VAL B 187 0.12 10.28 1.40
N VAL B 188 -0.53 11.40 1.68
CA VAL B 188 -0.30 12.67 1.00
C VAL B 188 0.21 13.65 2.03
N SER B 189 1.43 14.16 1.83
CA SER B 189 2.06 15.05 2.79
C SER B 189 3.16 15.86 2.14
N ASN B 190 3.96 16.53 2.97
CA ASN B 190 5.17 17.23 2.48
C ASN B 190 6.32 16.24 2.50
N PHE B 191 6.70 15.76 1.32
CA PHE B 191 7.75 14.76 1.22
C PHE B 191 9.07 15.41 0.90
N MSE B 192 10.11 14.85 1.47
CA MSE B 192 11.45 15.36 1.31
C MSE B 192 11.99 15.07 -0.08
O MSE B 192 11.66 14.04 -0.71
CB MSE B 192 12.38 14.73 2.36
CG MSE B 192 12.02 15.03 3.79
SE MSE B 192 13.23 14.10 5.01
CE MSE B 192 12.93 15.14 6.58
N ASP B 193 12.84 15.98 -0.54
CA ASP B 193 13.52 15.84 -1.81
C ASP B 193 14.99 15.67 -1.46
N PHE B 194 15.57 14.57 -1.94
CA PHE B 194 16.96 14.20 -1.60
C PHE B 194 17.96 14.46 -2.74
N ASP B 195 19.19 14.83 -2.38
CA ASP B 195 20.23 15.00 -3.38
C ASP B 195 20.90 13.66 -3.74
N GLU B 196 21.90 13.73 -4.62
CA GLU B 196 22.62 12.54 -5.13
C GLU B 196 23.11 11.62 -4.01
N ASN B 197 23.45 12.22 -2.87
CA ASN B 197 23.95 11.51 -1.69
C ASN B 197 22.85 11.05 -0.71
N GLY B 198 21.58 11.24 -1.10
CA GLY B 198 20.46 10.87 -0.22
C GLY B 198 20.37 11.77 0.99
N VAL B 199 20.73 13.05 0.81
CA VAL B 199 20.62 14.05 1.87
C VAL B 199 19.51 15.05 1.49
N LEU B 200 18.66 15.37 2.47
CA LEU B 200 17.57 16.34 2.27
C LEU B 200 18.08 17.67 1.67
N LYS B 201 17.51 18.08 0.54
CA LYS B 201 17.81 19.40 -0.03
C LYS B 201 16.59 20.31 -0.18
N GLY B 202 15.41 19.79 0.10
CA GLY B 202 14.17 20.55 -0.10
C GLY B 202 12.95 19.64 0.02
N PHE B 203 11.78 20.19 -0.34
CA PHE B 203 10.52 19.46 -0.24
C PHE B 203 9.79 19.45 -1.59
N LYS B 204 9.08 18.36 -1.85
CA LYS B 204 8.40 18.14 -3.12
C LYS B 204 7.01 18.76 -3.18
N GLY B 205 6.66 19.23 -4.38
CA GLY B 205 5.29 19.59 -4.69
C GLY B 205 4.88 20.90 -4.07
N GLU B 206 3.57 21.05 -3.88
CA GLU B 206 3.04 22.27 -3.32
C GLU B 206 2.91 22.04 -1.82
N LEU B 207 3.30 23.05 -1.04
CA LEU B 207 3.25 22.96 0.40
C LEU B 207 1.84 22.63 0.93
N ILE B 208 1.76 21.66 1.82
CA ILE B 208 0.56 21.48 2.61
C ILE B 208 0.79 22.03 4.01
N HIS B 209 -0.06 22.96 4.44
CA HIS B 209 -0.02 23.46 5.81
C HIS B 209 -1.38 23.27 6.46
N VAL B 210 -1.49 23.73 7.70
CA VAL B 210 -2.69 23.53 8.51
C VAL B 210 -3.98 24.13 7.85
N PHE B 211 -3.83 25.20 7.07
CA PHE B 211 -5.01 25.89 6.54
C PHE B 211 -5.33 25.69 5.05
N ASN B 212 -4.49 24.99 4.28
CA ASN B 212 -4.76 24.91 2.83
C ASN B 212 -5.12 23.50 2.33
N LYS B 213 -5.67 22.66 3.20
CA LYS B 213 -5.88 21.27 2.78
C LYS B 213 -6.96 21.10 1.69
N HIS B 214 -7.81 22.11 1.53
CA HIS B 214 -8.73 22.16 0.40
C HIS B 214 -8.01 21.99 -0.94
N ASP B 215 -6.88 22.68 -1.10
CA ASP B 215 -6.11 22.66 -2.35
C ASP B 215 -5.66 21.26 -2.71
N GLY B 216 -4.95 20.61 -1.78
CA GLY B 216 -4.52 19.23 -1.95
C GLY B 216 -5.65 18.23 -2.12
N ALA B 217 -6.76 18.47 -1.43
CA ALA B 217 -7.94 17.62 -1.53
C ALA B 217 -8.40 17.56 -2.98
N LEU B 218 -8.44 18.72 -3.64
CA LEU B 218 -8.85 18.83 -5.04
C LEU B 218 -7.80 18.30 -6.01
N LYS B 219 -6.52 18.41 -5.64
CA LYS B 219 -5.43 17.94 -6.49
C LYS B 219 -5.13 16.45 -6.37
N ASN B 220 -6.12 15.69 -5.90
CA ASN B 220 -5.99 14.23 -5.79
C ASN B 220 -7.16 13.51 -6.44
N THR B 221 -7.55 14.02 -7.62
CA THR B 221 -8.70 13.55 -8.41
C THR B 221 -8.53 12.10 -8.79
N ASP B 222 -7.34 11.79 -9.30
CA ASP B 222 -6.84 10.45 -9.48
C ASP B 222 -7.37 9.51 -8.39
N TYR B 223 -6.95 9.73 -7.14
CA TYR B 223 -7.40 8.91 -6.00
C TYR B 223 -8.93 8.85 -5.83
N PHE B 224 -9.57 10.00 -5.71
CA PHE B 224 -10.98 10.05 -5.36
C PHE B 224 -11.97 9.59 -6.45
N SER B 225 -11.60 9.78 -7.71
CA SER B 225 -12.44 9.28 -8.82
C SER B 225 -12.45 7.75 -8.92
N GLN B 226 -11.30 7.12 -8.60
CA GLN B 226 -11.17 5.66 -8.49
C GLN B 226 -12.10 5.11 -7.42
N LEU B 227 -12.45 5.94 -6.44
CA LEU B 227 -13.27 5.54 -5.30
C LEU B 227 -14.65 6.18 -5.33
N LYS B 228 -15.19 6.35 -6.53
CA LYS B 228 -16.48 7.01 -6.70
C LYS B 228 -17.60 6.30 -5.93
N ASP B 229 -17.50 4.97 -5.84
CA ASP B 229 -18.51 4.17 -5.12
C ASP B 229 -18.42 4.32 -3.60
N ASN B 230 -17.26 4.76 -3.09
CA ASN B 230 -17.07 4.89 -1.64
C ASN B 230 -17.63 6.21 -1.17
N SER B 231 -18.96 6.27 -1.15
CA SER B 231 -19.69 7.50 -0.91
C SER B 231 -19.97 7.73 0.58
N ASN B 232 -19.55 6.79 1.42
CA ASN B 232 -19.65 6.93 2.87
C ASN B 232 -18.26 7.23 3.44
N ILE B 233 -18.15 8.31 4.19
CA ILE B 233 -16.84 8.79 4.64
C ILE B 233 -16.80 8.95 6.17
N ILE B 234 -15.69 8.53 6.76
CA ILE B 234 -15.35 8.91 8.12
C ILE B 234 -14.13 9.83 8.03
N LEU B 235 -14.30 11.06 8.50
CA LEU B 235 -13.21 12.04 8.52
C LEU B 235 -12.73 12.20 9.96
N LEU B 236 -11.42 12.12 10.17
CA LEU B 236 -10.83 12.33 11.48
C LEU B 236 -9.87 13.50 11.39
N GLY B 237 -10.00 14.49 12.29
CA GLY B 237 -9.15 15.66 12.30
C GLY B 237 -8.91 16.11 13.74
N ASP B 238 -8.01 17.06 13.92
CA ASP B 238 -7.84 17.74 15.22
C ASP B 238 -7.82 19.26 15.08
N SER B 239 -7.69 19.76 13.84
CA SER B 239 -7.76 21.19 13.57
C SER B 239 -9.05 21.55 12.83
N GLN B 240 -9.41 22.83 12.83
CA GLN B 240 -10.48 23.28 11.95
C GLN B 240 -10.14 23.03 10.47
N GLY B 241 -8.87 23.20 10.09
CA GLY B 241 -8.42 23.01 8.72
C GLY B 241 -8.65 21.60 8.16
N ASP B 242 -8.71 20.60 9.06
CA ASP B 242 -8.91 19.20 8.68
C ASP B 242 -10.32 18.94 8.11
N LEU B 243 -11.25 19.84 8.39
CA LEU B 243 -12.61 19.72 7.88
C LEU B 243 -12.69 19.82 6.35
N ARG B 244 -11.62 20.34 5.74
CA ARG B 244 -11.58 20.51 4.28
C ARG B 244 -11.02 19.28 3.56
N MSE B 245 -10.62 18.25 4.29
CA MSE B 245 -9.88 17.14 3.67
C MSE B 245 -10.73 16.27 2.71
O MSE B 245 -10.17 15.54 1.89
CB MSE B 245 -9.25 16.26 4.75
CG MSE B 245 -8.13 16.93 5.57
SE MSE B 245 -7.25 15.64 6.72
CE MSE B 245 -8.74 15.07 7.65
N ALA B 246 -12.06 16.35 2.86
CA ALA B 246 -13.00 15.62 1.98
C ALA B 246 -13.54 16.47 0.83
N ASP B 247 -12.92 17.62 0.57
CA ASP B 247 -13.40 18.52 -0.50
C ASP B 247 -13.26 17.93 -1.91
N GLY B 248 -12.38 16.95 -2.05
CA GLY B 248 -12.16 16.30 -3.33
C GLY B 248 -13.04 15.08 -3.57
N VAL B 249 -13.87 14.71 -2.59
CA VAL B 249 -14.65 13.49 -2.73
C VAL B 249 -15.73 13.62 -3.81
N ALA B 250 -15.59 12.75 -4.80
CA ALA B 250 -16.55 12.55 -5.88
C ALA B 250 -18.03 12.69 -5.46
N ASN B 251 -18.56 11.69 -4.74
CA ASN B 251 -19.95 11.70 -4.30
C ASN B 251 -20.03 11.39 -2.80
N VAL B 252 -20.86 12.13 -2.07
CA VAL B 252 -21.01 11.90 -0.63
C VAL B 252 -22.45 11.52 -0.30
N GLU B 253 -22.62 10.31 0.22
CA GLU B 253 -23.92 9.89 0.73
C GLU B 253 -24.00 10.18 2.23
N HIS B 254 -23.01 9.70 2.98
CA HIS B 254 -22.93 9.96 4.43
C HIS B 254 -21.49 10.29 4.76
N ILE B 255 -21.30 11.36 5.53
CA ILE B 255 -20.00 11.68 6.08
C ILE B 255 -20.13 11.98 7.57
N LEU B 256 -19.28 11.33 8.36
CA LEU B 256 -19.17 11.56 9.79
C LEU B 256 -17.83 12.23 10.06
N LYS B 257 -17.86 13.35 10.79
CA LYS B 257 -16.66 14.12 11.08
C LYS B 257 -16.36 14.05 12.58
N ILE B 258 -15.20 13.51 12.92
CA ILE B 258 -14.79 13.27 14.30
C ILE B 258 -13.55 14.11 14.59
N GLY B 259 -13.61 14.96 15.60
CA GLY B 259 -12.52 15.90 15.83
C GLY B 259 -11.92 15.75 17.21
N TYR B 260 -10.62 15.53 17.25
CA TYR B 260 -9.88 15.55 18.52
C TYR B 260 -9.61 16.99 18.91
N LEU B 261 -10.14 17.39 20.07
CA LEU B 261 -9.84 18.68 20.65
C LEU B 261 -8.83 18.48 21.79
N ASN B 262 -7.56 18.70 21.47
CA ASN B 262 -6.45 18.28 22.33
C ASN B 262 -5.98 19.36 23.29
N ASP B 263 -6.36 20.59 22.99
CA ASP B 263 -5.70 21.79 23.53
C ASP B 263 -6.70 22.91 23.38
N ARG B 264 -6.48 24.04 24.05
CA ARG B 264 -7.33 25.24 23.89
C ARG B 264 -8.81 24.87 24.04
N VAL B 265 -9.11 24.01 24.99
CA VAL B 265 -10.43 23.37 25.08
C VAL B 265 -11.57 24.37 25.31
N ASP B 266 -11.44 25.21 26.33
CA ASP B 266 -12.46 26.22 26.67
C ASP B 266 -12.68 27.21 25.53
N GLU B 267 -11.59 27.70 24.94
CA GLU B 267 -11.64 28.57 23.77
C GLU B 267 -12.39 27.93 22.58
N LEU B 268 -12.14 26.66 22.31
CA LEU B 268 -12.52 26.06 21.03
C LEU B 268 -13.70 25.10 21.04
N LEU B 269 -14.17 24.71 22.22
CA LEU B 269 -15.14 23.62 22.36
C LEU B 269 -16.43 23.87 21.59
N GLU B 270 -17.06 25.01 21.85
CA GLU B 270 -18.26 25.43 21.11
C GLU B 270 -18.07 25.34 19.57
N LYS B 271 -16.98 25.92 19.07
CA LYS B 271 -16.71 25.88 17.62
C LYS B 271 -16.54 24.46 17.10
N TYR B 272 -15.79 23.64 17.84
CA TYR B 272 -15.59 22.22 17.48
C TYR B 272 -16.91 21.43 17.48
N MSE B 273 -17.75 21.70 18.48
CA MSE B 273 -19.04 21.03 18.61
C MSE B 273 -20.02 21.41 17.50
O MSE B 273 -20.86 20.60 17.11
CB MSE B 273 -19.65 21.26 20.00
CG MSE B 273 -18.95 20.40 21.08
SE MSE B 273 -19.79 20.55 22.83
CE MSE B 273 -21.46 19.68 22.39
N ASP B 274 -19.89 22.63 17.00
CA ASP B 274 -20.67 23.12 15.86
C ASP B 274 -20.22 22.53 14.52
N SER B 275 -18.92 22.27 14.38
CA SER B 275 -18.34 21.93 13.06
C SER B 275 -17.96 20.44 12.89
N TYR B 276 -17.72 19.73 13.98
CA TYR B 276 -17.50 18.27 13.98
C TYR B 276 -18.74 17.65 14.58
N ASP B 277 -19.15 16.49 14.06
CA ASP B 277 -20.28 15.73 14.59
C ASP B 277 -19.97 15.21 15.98
N ILE B 278 -18.73 14.74 16.15
CA ILE B 278 -18.28 14.16 17.43
C ILE B 278 -16.98 14.84 17.80
N VAL B 279 -16.94 15.37 19.00
CA VAL B 279 -15.71 15.99 19.54
C VAL B 279 -15.15 15.11 20.67
N LEU B 280 -13.85 14.80 20.59
CA LEU B 280 -13.17 14.02 21.61
C LEU B 280 -12.17 14.91 22.29
N VAL B 281 -12.46 15.20 23.55
CA VAL B 281 -11.75 16.18 24.34
C VAL B 281 -10.63 15.51 25.14
N LYS B 282 -9.39 15.88 24.81
CA LYS B 282 -8.19 15.40 25.51
C LYS B 282 -8.21 13.87 25.54
N GLU B 283 -8.40 13.29 24.35
CA GLU B 283 -8.65 11.87 24.19
C GLU B 283 -7.49 11.24 23.41
N GLU B 284 -6.82 10.27 24.01
CA GLU B 284 -5.66 9.68 23.36
C GLU B 284 -5.91 8.28 22.80
N SER B 285 -7.18 7.93 22.56
CA SER B 285 -7.52 6.65 21.91
C SER B 285 -8.36 6.80 20.67
N LEU B 286 -8.45 5.70 19.92
CA LEU B 286 -9.32 5.56 18.76
C LEU B 286 -10.57 4.70 19.05
N GLU B 287 -10.90 4.51 20.33
CA GLU B 287 -12.01 3.61 20.64
C GLU B 287 -13.39 4.03 20.08
N VAL B 288 -13.67 5.32 19.99
CA VAL B 288 -14.94 5.77 19.41
C VAL B 288 -15.01 5.40 17.91
N VAL B 289 -13.97 5.73 17.14
CA VAL B 289 -13.99 5.36 15.72
C VAL B 289 -13.98 3.84 15.55
N ASN B 290 -13.18 3.14 16.36
CA ASN B 290 -13.16 1.67 16.29
C ASN B 290 -14.53 1.07 16.58
N SER B 291 -15.26 1.65 17.54
CA SER B 291 -16.64 1.17 17.86
C SER B 291 -17.60 1.33 16.68
N ILE B 292 -17.42 2.39 15.90
CA ILE B 292 -18.22 2.63 14.69
C ILE B 292 -17.85 1.65 13.58
N LEU B 293 -16.56 1.40 13.39
CA LEU B 293 -16.06 0.40 12.44
C LEU B 293 -16.57 -1.01 12.76
N GLN B 294 -16.63 -1.33 14.05
CA GLN B 294 -17.10 -2.62 14.53
C GLN B 294 -18.55 -2.85 14.10
N LYS B 295 -19.40 -1.84 14.25
CA LYS B 295 -20.79 -1.89 13.76
C LYS B 295 -20.90 -1.94 12.21
N THR B 296 -19.92 -1.36 11.51
CA THR B 296 -20.03 -1.09 10.07
C THR B 296 -19.46 -2.22 9.22
N LEU B 297 -18.34 -2.78 9.65
CA LEU B 297 -17.58 -3.68 8.78
C LEU B 297 -18.09 -5.11 8.89
MG MG C . 3.13 -17.17 -12.92
P PO4 D . 0.54 -14.88 -13.13
O1 PO4 D . 0.73 -14.21 -11.80
O2 PO4 D . 1.27 -16.14 -13.13
O3 PO4 D . -0.88 -15.36 -13.31
O4 PO4 D . 0.99 -14.07 -14.35
C1 PIN E . 24.09 -8.41 6.07
C2 PIN E . 24.89 -7.17 6.49
N1 PIN E . 24.39 -5.91 5.89
C3 PIN E . 23.16 -5.43 6.55
C4 PIN E . 24.11 -5.99 4.45
C1' PIN E . 24.48 -1.55 3.86
C2' PIN E . 24.38 -2.47 5.07
N1' PIN E . 23.41 -3.56 4.85
C3' PIN E . 23.99 -4.56 3.90
C4' PIN E . 22.97 -3.95 6.22
S1 PIN E . 25.13 -9.68 5.25
S1' PIN E . 23.94 0.16 4.23
O1 PIN E . 26.15 -9.02 4.37
O2 PIN E . 24.26 -10.57 4.42
O3 PIN E . 25.83 -10.51 6.28
O1' PIN E . 24.74 1.14 3.44
O2' PIN E . 22.48 0.28 3.88
O3' PIN E . 24.11 0.45 5.69
MG MG F . -3.16 17.08 13.06
P PO4 G . -1.07 16.95 10.29
O1 PO4 G . -1.58 17.22 11.62
O2 PO4 G . 0.32 17.54 10.41
O3 PO4 G . -1.04 15.48 10.09
O4 PO4 G . -1.89 17.77 9.27
C1 PIN H . -23.26 -7.44 7.84
C2 PIN H . -22.41 -8.09 8.93
N1 PIN H . -21.26 -7.24 9.30
C3 PIN H . -20.39 -8.01 10.23
C4 PIN H . -21.70 -5.89 9.74
C1' PIN H . -21.06 -6.38 14.25
C2' PIN H . -22.25 -6.72 13.35
N1' PIN H . -21.87 -6.93 11.93
C3' PIN H . -21.58 -5.67 11.25
C4' PIN H . -20.74 -7.87 11.73
S1 PIN H . -22.54 -7.58 6.16
S1' PIN H . -21.56 -5.71 15.88
O1 PIN H . -23.61 -7.99 5.18
O2 PIN H . -21.47 -8.63 6.16
O3 PIN H . -21.97 -6.25 5.76
O1' PIN H . -20.79 -4.46 16.16
O2' PIN H . -23.02 -5.38 15.88
O3' PIN H . -21.25 -6.71 16.95
#